data_5LWL
#
_entry.id   5LWL
#
_cell.length_a   76.638
_cell.length_b   76.638
_cell.length_c   149.261
_cell.angle_alpha   90.000
_cell.angle_beta   90.000
_cell.angle_gamma   90.000
#
_symmetry.space_group_name_H-M   'I 41'
#
loop_
_entity.id
_entity.type
_entity.pdbx_description
1 polymer 'Transcriptional regulatory protein'
2 non-polymer 'SULFATE ION'
3 water water
#
_entity_poly.entity_id   1
_entity_poly.type   'polypeptide(L)'
_entity_poly.pdbx_seq_one_letter_code
;AATNILIVEDDPMVQFIHRNYLEKIGTFDTIYSSETIADAKKLLASRSIQLVLLAIRLKDGNGIDFLTDLRRTKQTVDVI
LITAANEVNIVNDALHLGVIDYLIKPFTLERFEKSIQRYRTK
;
_entity_poly.pdbx_strand_id   A,B
#
loop_
_chem_comp.id
_chem_comp.type
_chem_comp.name
_chem_comp.formula
SO4 non-polymer 'SULFATE ION' 'O4 S -2'
#
# COMPACT_ATOMS: atom_id res chain seq x y z
N ALA A 1 -19.47 15.24 -18.93
CA ALA A 1 -20.92 14.94 -19.07
C ALA A 1 -21.17 13.49 -19.46
N ALA A 2 -22.23 12.90 -18.89
CA ALA A 2 -22.73 11.55 -19.20
C ALA A 2 -21.68 10.42 -19.20
N THR A 3 -21.36 9.92 -18.00
CA THR A 3 -20.46 8.77 -17.81
C THR A 3 -20.98 7.77 -16.76
N ASN A 4 -20.48 6.53 -16.84
CA ASN A 4 -20.94 5.42 -15.98
C ASN A 4 -20.03 5.14 -14.78
N ILE A 5 -20.65 4.82 -13.64
CA ILE A 5 -19.95 4.52 -12.38
C ILE A 5 -20.48 3.22 -11.75
N LEU A 6 -19.56 2.37 -11.29
CA LEU A 6 -19.87 1.24 -10.42
C LEU A 6 -19.27 1.44 -9.03
N ILE A 7 -20.11 1.37 -8.01
CA ILE A 7 -19.67 1.35 -6.61
C ILE A 7 -19.60 -0.09 -6.13
N VAL A 8 -18.43 -0.48 -5.64
CA VAL A 8 -18.25 -1.78 -5.01
C VAL A 8 -17.74 -1.57 -3.56
N GLU A 9 -18.70 -1.64 -2.64
CA GLU A 9 -18.48 -1.42 -1.19
C GLU A 9 -19.46 -2.30 -0.42
N ASP A 10 -18.95 -3.02 0.58
CA ASP A 10 -19.74 -4.06 1.27
C ASP A 10 -20.80 -3.53 2.25
N ASP A 11 -20.57 -2.34 2.83
CA ASP A 11 -21.54 -1.71 3.74
C ASP A 11 -22.45 -0.75 2.97
N PRO A 12 -23.80 -0.95 3.06
CA PRO A 12 -24.79 -0.21 2.28
C PRO A 12 -24.96 1.26 2.64
N MET A 13 -24.53 1.65 3.85
CA MET A 13 -24.62 3.06 4.27
C MET A 13 -23.62 3.91 3.46
N VAL A 14 -22.34 3.55 3.53
CA VAL A 14 -21.27 4.22 2.77
C VAL A 14 -21.52 4.14 1.25
N GLN A 15 -22.20 3.08 0.82
CA GLN A 15 -22.71 2.97 -0.56
C GLN A 15 -23.73 4.05 -0.92
N PHE A 16 -24.61 4.39 0.03
CA PHE A 16 -25.61 5.45 -0.16
C PHE A 16 -24.96 6.83 -0.15
N ILE A 17 -23.92 6.99 0.68
CA ILE A 17 -23.16 8.24 0.76
C ILE A 17 -22.43 8.53 -0.56
N HIS A 18 -21.74 7.53 -1.11
CA HIS A 18 -21.11 7.65 -2.44
C HIS A 18 -22.12 8.07 -3.51
N ARG A 19 -23.25 7.35 -3.57
CA ARG A 19 -24.38 7.67 -4.44
C ARG A 19 -24.86 9.11 -4.26
N ASN A 20 -25.07 9.52 -3.00
CA ASN A 20 -25.53 10.86 -2.65
C ASN A 20 -24.54 11.94 -3.06
N TYR A 21 -23.25 11.66 -2.87
CA TYR A 21 -22.18 12.61 -3.17
C TYR A 21 -21.93 12.75 -4.67
N LEU A 22 -22.06 11.66 -5.41
CA LEU A 22 -21.92 11.66 -6.88
C LEU A 22 -23.03 12.44 -7.58
N GLU A 23 -24.22 12.45 -6.97
CA GLU A 23 -25.38 13.19 -7.50
C GLU A 23 -25.36 14.65 -7.05
N LYS A 24 -24.66 14.93 -5.94
CA LYS A 24 -24.44 16.30 -5.45
C LYS A 24 -23.40 17.08 -6.27
N ILE A 25 -22.75 16.39 -7.20
CA ILE A 25 -22.13 17.02 -8.36
C ILE A 25 -23.05 16.70 -9.57
N GLY A 26 -23.09 15.43 -9.99
CA GLY A 26 -24.13 14.95 -10.91
C GLY A 26 -23.84 14.86 -12.40
N THR A 27 -22.57 14.63 -12.75
CA THR A 27 -22.10 14.55 -14.16
C THR A 27 -22.60 13.28 -14.90
N PHE A 28 -23.36 12.45 -14.18
CA PHE A 28 -23.53 11.04 -14.52
C PHE A 28 -24.99 10.60 -14.66
N ASP A 29 -25.21 9.60 -15.51
CA ASP A 29 -26.54 9.06 -15.80
C ASP A 29 -26.93 7.93 -14.86
N THR A 30 -26.11 6.88 -14.80
CA THR A 30 -26.40 5.69 -14.01
C THR A 30 -25.24 5.37 -13.08
N ILE A 31 -25.58 5.08 -11.82
CA ILE A 31 -24.62 4.66 -10.81
C ILE A 31 -25.02 3.27 -10.30
N TYR A 32 -24.11 2.31 -10.49
CA TYR A 32 -24.33 0.91 -10.15
C TYR A 32 -23.83 0.61 -8.75
N SER A 33 -24.47 -0.35 -8.08
CA SER A 33 -24.11 -0.74 -6.72
C SER A 33 -23.63 -2.19 -6.67
N SER A 34 -22.69 -2.46 -5.76
CA SER A 34 -22.20 -3.81 -5.53
C SER A 34 -21.65 -3.98 -4.11
N GLU A 35 -21.93 -5.14 -3.53
CA GLU A 35 -21.48 -5.46 -2.17
C GLU A 35 -20.41 -6.54 -2.15
N THR A 36 -20.20 -7.18 -3.31
CA THR A 36 -19.13 -8.17 -3.50
C THR A 36 -18.36 -7.97 -4.81
N ILE A 37 -17.15 -8.51 -4.86
CA ILE A 37 -16.34 -8.60 -6.08
C ILE A 37 -17.09 -9.38 -7.16
N ALA A 38 -17.71 -10.50 -6.76
CA ALA A 38 -18.50 -11.36 -7.64
C ALA A 38 -19.64 -10.63 -8.36
N ASP A 39 -20.37 -9.79 -7.62
CA ASP A 39 -21.45 -8.97 -8.17
C ASP A 39 -20.90 -7.88 -9.09
N ALA A 40 -19.70 -7.40 -8.80
CA ALA A 40 -19.03 -6.37 -9.59
C ALA A 40 -18.51 -6.90 -10.93
N LYS A 41 -17.82 -8.05 -10.87
CA LYS A 41 -17.28 -8.74 -12.06
C LYS A 41 -18.36 -9.01 -13.11
N LYS A 42 -19.52 -9.51 -12.64
CA LYS A 42 -20.67 -9.80 -13.48
C LYS A 42 -21.27 -8.55 -14.12
N LEU A 43 -21.21 -7.42 -13.41
CA LEU A 43 -21.64 -6.13 -13.96
C LEU A 43 -20.66 -5.59 -14.99
N LEU A 44 -19.37 -5.86 -14.77
CA LEU A 44 -18.29 -5.43 -15.66
C LEU A 44 -18.32 -6.14 -17.02
N ALA A 45 -18.60 -7.44 -17.00
CA ALA A 45 -18.83 -8.22 -18.22
C ALA A 45 -20.13 -7.79 -18.90
N SER A 46 -21.09 -7.29 -18.11
CA SER A 46 -22.44 -6.96 -18.59
C SER A 46 -22.54 -5.58 -19.22
N ARG A 47 -22.65 -4.55 -18.38
CA ARG A 47 -22.97 -3.19 -18.82
C ARG A 47 -21.72 -2.31 -18.87
N SER A 48 -21.80 -1.20 -19.60
CA SER A 48 -20.66 -0.29 -19.80
C SER A 48 -20.38 0.52 -18.54
N ILE A 49 -19.11 0.49 -18.11
CA ILE A 49 -18.65 1.18 -16.91
C ILE A 49 -17.33 1.90 -17.24
N GLN A 50 -17.30 3.19 -16.90
CA GLN A 50 -16.12 4.03 -17.13
C GLN A 50 -15.18 4.02 -15.91
N LEU A 51 -15.64 4.61 -14.80
CA LEU A 51 -14.90 4.57 -13.54
C LEU A 51 -15.54 3.65 -12.50
N VAL A 52 -14.70 3.12 -11.61
CA VAL A 52 -15.13 2.25 -10.51
C VAL A 52 -14.67 2.85 -9.18
N LEU A 53 -15.62 3.04 -8.27
CA LEU A 53 -15.30 3.40 -6.88
C LEU A 53 -15.18 2.12 -6.06
N LEU A 54 -13.94 1.73 -5.74
CA LEU A 54 -13.64 0.42 -5.16
C LEU A 54 -13.12 0.52 -3.73
N ALA A 55 -13.68 -0.30 -2.85
CA ALA A 55 -13.20 -0.46 -1.48
C ALA A 55 -12.11 -1.55 -1.42
N ILE A 56 -11.51 -1.78 -0.26
CA ILE A 56 -10.55 -2.89 -0.10
C ILE A 56 -11.21 -4.09 0.58
N ARG A 57 -11.76 -3.90 1.77
CA ARG A 57 -12.35 -5.00 2.52
C ARG A 57 -13.78 -5.29 2.04
N LEU A 58 -13.88 -6.13 1.00
CA LEU A 58 -15.15 -6.61 0.46
C LEU A 58 -15.54 -7.95 1.06
N LYS A 59 -16.81 -8.31 0.91
CA LYS A 59 -17.40 -9.50 1.55
C LYS A 59 -16.76 -10.82 1.09
N ASP A 60 -16.50 -10.94 -0.21
CA ASP A 60 -16.02 -12.17 -0.84
C ASP A 60 -14.51 -12.22 -1.13
N GLY A 61 -13.81 -11.11 -0.89
CA GLY A 61 -12.34 -11.05 -1.09
C GLY A 61 -11.70 -9.69 -0.81
N ASN A 62 -10.50 -9.50 -1.34
CA ASN A 62 -9.73 -8.26 -1.16
C ASN A 62 -9.74 -7.37 -2.40
N GLY A 63 -10.10 -6.11 -2.19
CA GLY A 63 -10.24 -5.11 -3.25
C GLY A 63 -8.98 -4.91 -4.08
N ILE A 64 -7.83 -4.92 -3.42
CA ILE A 64 -6.54 -4.79 -4.07
C ILE A 64 -6.27 -5.99 -5.00
N ASP A 65 -6.70 -7.18 -4.56
CA ASP A 65 -6.58 -8.41 -5.35
C ASP A 65 -7.47 -8.36 -6.58
N PHE A 66 -8.68 -7.80 -6.43
CA PHE A 66 -9.61 -7.58 -7.52
C PHE A 66 -9.06 -6.58 -8.53
N LEU A 67 -8.38 -5.55 -8.02
CA LEU A 67 -7.73 -4.54 -8.85
C LEU A 67 -6.61 -5.15 -9.69
N THR A 68 -5.81 -6.01 -9.08
CA THR A 68 -4.70 -6.70 -9.75
C THR A 68 -5.16 -7.52 -10.94
N ASP A 69 -6.22 -8.31 -10.74
CA ASP A 69 -6.87 -9.11 -11.80
C ASP A 69 -7.45 -8.21 -12.88
N LEU A 70 -8.05 -7.09 -12.46
CA LEU A 70 -8.69 -6.12 -13.34
C LEU A 70 -7.73 -5.47 -14.34
N ARG A 71 -6.45 -5.44 -13.97
CA ARG A 71 -5.39 -4.91 -14.83
C ARG A 71 -4.66 -5.99 -15.60
N ARG A 72 -4.53 -7.18 -15.01
CA ARG A 72 -3.99 -8.35 -15.71
C ARG A 72 -4.89 -8.80 -16.87
N THR A 73 -6.20 -8.60 -16.69
CA THR A 73 -7.19 -8.82 -17.75
C THR A 73 -7.28 -7.61 -18.70
N LYS A 74 -6.70 -6.48 -18.27
CA LYS A 74 -6.67 -5.22 -19.03
C LYS A 74 -8.07 -4.68 -19.35
N GLN A 75 -8.80 -4.32 -18.30
CA GLN A 75 -10.15 -3.77 -18.43
C GLN A 75 -10.11 -2.26 -18.65
N THR A 76 -10.95 -1.78 -19.57
CA THR A 76 -11.05 -0.35 -19.92
C THR A 76 -11.82 0.41 -18.82
N VAL A 77 -11.19 0.51 -17.65
CA VAL A 77 -11.84 0.95 -16.40
C VAL A 77 -10.93 1.86 -15.58
N ASP A 78 -11.54 2.88 -14.97
CA ASP A 78 -10.85 3.83 -14.12
C ASP A 78 -11.16 3.62 -12.63
N VAL A 79 -10.30 2.87 -11.95
CA VAL A 79 -10.42 2.63 -10.52
C VAL A 79 -10.10 3.90 -9.73
N ILE A 80 -10.90 4.15 -8.69
CA ILE A 80 -10.60 5.18 -7.68
C ILE A 80 -10.96 4.60 -6.31
N LEU A 81 -9.92 4.20 -5.57
CA LEU A 81 -10.04 3.51 -4.28
C LEU A 81 -10.58 4.38 -3.16
N ILE A 82 -11.76 4.02 -2.65
CA ILE A 82 -12.33 4.66 -1.46
C ILE A 82 -12.33 3.66 -0.32
N THR A 83 -11.42 3.85 0.64
CA THR A 83 -11.13 2.86 1.68
C THR A 83 -10.58 3.48 2.96
N ALA A 84 -10.74 2.76 4.06
CA ALA A 84 -10.25 3.17 5.37
C ALA A 84 -8.89 2.54 5.70
N ALA A 85 -8.41 1.67 4.81
CA ALA A 85 -7.16 0.94 5.00
C ALA A 85 -5.94 1.83 4.79
N ASN A 86 -5.01 1.78 5.74
CA ASN A 86 -3.73 2.49 5.63
C ASN A 86 -2.67 1.66 4.90
N GLU A 87 -1.43 2.17 4.88
CA GLU A 87 -0.29 1.52 4.22
C GLU A 87 -0.05 0.11 4.76
N VAL A 88 -0.04 0.00 6.09
CA VAL A 88 0.17 -1.26 6.83
C VAL A 88 -0.83 -2.33 6.39
N ASN A 89 -2.08 -1.91 6.17
CA ASN A 89 -3.15 -2.77 5.72
C ASN A 89 -2.94 -3.26 4.30
N ILE A 90 -2.37 -2.40 3.43
CA ILE A 90 -2.09 -2.80 2.05
C ILE A 90 -0.90 -3.79 2.00
N VAL A 91 0.05 -3.64 2.91
CA VAL A 91 1.22 -4.50 2.96
C VAL A 91 0.90 -5.87 3.58
N ASN A 92 0.22 -5.88 4.72
CA ASN A 92 0.04 -7.09 5.50
C ASN A 92 -1.28 -7.80 5.32
N ASP A 93 -2.37 -7.04 5.26
CA ASP A 93 -3.70 -7.62 5.12
C ASP A 93 -4.00 -7.87 3.65
N ALA A 94 -3.57 -6.95 2.79
CA ALA A 94 -3.84 -7.03 1.35
C ALA A 94 -2.74 -7.73 0.54
N LEU A 95 -1.50 -7.68 1.02
CA LEU A 95 -0.39 -8.36 0.34
C LEU A 95 0.31 -9.45 1.15
N HIS A 96 -0.13 -9.63 2.40
CA HIS A 96 0.29 -10.73 3.31
C HIS A 96 1.80 -10.82 3.57
N LEU A 97 2.45 -9.66 3.56
CA LEU A 97 3.91 -9.60 3.53
C LEU A 97 4.59 -9.66 4.90
N GLY A 98 3.80 -9.93 5.96
CA GLY A 98 4.31 -10.14 7.31
C GLY A 98 5.32 -9.15 7.83
N VAL A 99 5.06 -7.87 7.57
CA VAL A 99 5.90 -6.76 8.01
C VAL A 99 5.68 -6.49 9.51
N ILE A 100 6.75 -6.20 10.23
CA ILE A 100 6.67 -5.90 11.65
C ILE A 100 6.05 -4.53 11.95
N ASP A 101 6.44 -3.52 11.17
CA ASP A 101 5.95 -2.15 11.34
C ASP A 101 6.13 -1.32 10.06
N TYR A 102 5.37 -0.23 9.97
CA TYR A 102 5.50 0.73 8.88
C TYR A 102 5.69 2.14 9.46
N LEU A 103 6.92 2.67 9.40
CA LEU A 103 7.20 4.05 9.80
C LEU A 103 7.10 4.96 8.60
N ILE A 104 6.15 5.89 8.66
CA ILE A 104 5.98 6.89 7.60
C ILE A 104 7.03 7.97 7.85
N LYS A 105 7.81 8.28 6.81
CA LYS A 105 8.82 9.35 6.87
C LYS A 105 8.10 10.71 6.77
N PRO A 106 8.39 11.65 7.67
CA PRO A 106 9.42 11.51 8.71
C PRO A 106 8.91 10.91 10.01
N PHE A 107 9.82 10.27 10.76
CA PHE A 107 9.48 9.63 12.01
C PHE A 107 10.16 10.31 13.20
N THR A 108 9.47 10.26 14.35
CA THR A 108 9.94 10.88 15.59
C THR A 108 11.10 10.09 16.21
N LEU A 109 11.83 10.75 17.10
CA LEU A 109 12.91 10.14 17.90
C LEU A 109 12.45 8.87 18.62
N GLU A 110 11.23 8.94 19.18
CA GLU A 110 10.64 7.91 20.04
C GLU A 110 9.90 6.81 19.30
N ARG A 111 9.23 7.18 18.20
CA ARG A 111 8.43 6.23 17.41
C ARG A 111 9.29 5.13 16.76
N PHE A 112 10.57 5.41 16.57
CA PHE A 112 11.52 4.43 16.06
C PHE A 112 11.67 3.23 16.98
N GLU A 113 11.82 3.48 18.28
CA GLU A 113 11.99 2.42 19.28
C GLU A 113 10.71 1.60 19.54
N LYS A 114 9.55 2.22 19.36
CA LYS A 114 8.25 1.54 19.41
C LYS A 114 8.15 0.50 18.28
N SER A 115 8.69 0.89 17.12
CA SER A 115 8.73 0.05 15.93
C SER A 115 9.74 -1.08 16.10
N ILE A 116 10.80 -0.81 16.84
CA ILE A 116 11.79 -1.83 17.20
C ILE A 116 11.21 -2.75 18.28
N GLN A 117 10.46 -2.18 19.24
CA GLN A 117 9.79 -2.95 20.30
C GLN A 117 8.78 -3.97 19.76
N ARG A 118 8.23 -3.68 18.58
CA ARG A 118 7.34 -4.60 17.87
C ARG A 118 8.11 -5.78 17.25
N TYR A 119 9.42 -5.62 17.06
CA TYR A 119 10.30 -6.73 16.71
C TYR A 119 10.65 -7.55 17.95
N ARG A 120 10.94 -6.86 19.07
CA ARG A 120 11.34 -7.51 20.34
C ARG A 120 10.27 -8.47 20.88
N THR A 121 9.01 -8.21 20.53
CA THR A 121 7.87 -9.08 20.87
C THR A 121 7.51 -10.07 19.73
N LYS A 122 8.49 -10.36 18.86
CA LYS A 122 8.39 -11.40 17.85
C LYS A 122 9.79 -11.91 17.48
N ALA B 1 19.61 -8.55 23.48
CA ALA B 1 19.20 -9.11 22.16
C ALA B 1 20.34 -9.86 21.47
N ALA B 2 21.43 -9.12 21.17
CA ALA B 2 22.52 -9.58 20.30
C ALA B 2 22.01 -10.21 19.00
N THR B 3 21.45 -9.35 18.13
CA THR B 3 20.90 -9.77 16.82
C THR B 3 21.40 -8.86 15.69
N ASN B 4 21.44 -9.40 14.47
CA ASN B 4 21.89 -8.69 13.26
C ASN B 4 20.78 -7.90 12.56
N ILE B 5 21.13 -6.69 12.12
CA ILE B 5 20.21 -5.79 11.39
C ILE B 5 20.85 -5.29 10.10
N LEU B 6 20.11 -5.44 8.99
CA LEU B 6 20.50 -4.86 7.71
C LEU B 6 19.65 -3.62 7.41
N ILE B 7 20.30 -2.50 7.14
CA ILE B 7 19.62 -1.28 6.66
C ILE B 7 19.77 -1.20 5.14
N VAL B 8 18.63 -1.14 4.45
CA VAL B 8 18.60 -0.96 3.00
C VAL B 8 17.83 0.34 2.65
N GLU B 9 18.60 1.37 2.30
CA GLU B 9 18.12 2.74 2.07
C GLU B 9 19.07 3.51 1.13
N ASP B 10 18.50 4.23 0.17
CA ASP B 10 19.27 4.92 -0.87
C ASP B 10 20.06 6.15 -0.42
N ASP B 11 19.46 6.98 0.42
CA ASP B 11 20.06 8.25 0.85
C ASP B 11 20.98 8.04 2.08
N PRO B 12 22.29 8.34 1.94
CA PRO B 12 23.32 8.05 2.97
C PRO B 12 23.15 8.78 4.30
N MET B 13 22.42 9.89 4.31
CA MET B 13 22.15 10.60 5.56
C MET B 13 21.14 9.83 6.41
N VAL B 14 20.04 9.40 5.78
CA VAL B 14 19.00 8.63 6.48
C VAL B 14 19.51 7.23 6.88
N GLN B 15 20.42 6.68 6.08
CA GLN B 15 21.19 5.48 6.46
C GLN B 15 21.94 5.70 7.76
N PHE B 16 22.55 6.87 7.91
CA PHE B 16 23.27 7.25 9.13
C PHE B 16 22.30 7.50 10.29
N ILE B 17 21.11 8.01 9.97
CA ILE B 17 20.08 8.23 10.99
C ILE B 17 19.54 6.94 11.61
N HIS B 18 19.30 5.91 10.77
CA HIS B 18 18.89 4.59 11.27
C HIS B 18 20.01 3.95 12.11
N ARG B 19 21.25 4.05 11.59
CA ARG B 19 22.48 3.59 12.25
C ARG B 19 22.64 4.19 13.65
N ASN B 20 22.44 5.51 13.74
CA ASN B 20 22.56 6.27 14.98
C ASN B 20 21.50 5.84 15.98
N TYR B 21 20.25 5.82 15.51
CA TYR B 21 19.08 5.50 16.32
C TYR B 21 19.11 4.10 16.91
N LEU B 22 19.51 3.11 16.11
CA LEU B 22 19.63 1.71 16.54
C LEU B 22 20.65 1.50 17.65
N GLU B 23 21.71 2.31 17.66
CA GLU B 23 22.72 2.29 18.72
C GLU B 23 22.30 3.14 19.92
N LYS B 24 21.28 3.97 19.74
CA LYS B 24 20.69 4.77 20.81
C LYS B 24 19.67 3.95 21.63
N ILE B 25 19.27 2.80 21.10
CA ILE B 25 18.66 1.72 21.88
C ILE B 25 19.76 0.69 22.21
N GLY B 26 20.53 0.30 21.20
CA GLY B 26 21.83 -0.37 21.35
C GLY B 26 21.86 -1.76 21.96
N THR B 27 20.85 -2.57 21.66
CA THR B 27 20.79 -3.96 22.14
C THR B 27 21.49 -4.93 21.16
N PHE B 28 21.88 -4.39 20.00
CA PHE B 28 22.21 -5.18 18.81
C PHE B 28 23.65 -4.97 18.38
N ASP B 29 24.32 -6.07 18.02
CA ASP B 29 25.77 -6.06 17.77
C ASP B 29 26.20 -5.54 16.38
N THR B 30 25.87 -6.29 15.32
CA THR B 30 26.30 -5.96 13.96
C THR B 30 25.18 -5.27 13.20
N ILE B 31 25.53 -4.14 12.57
CA ILE B 31 24.59 -3.34 11.79
C ILE B 31 25.17 -3.12 10.39
N TYR B 32 24.54 -3.75 9.39
CA TYR B 32 25.00 -3.70 8.00
C TYR B 32 24.28 -2.60 7.20
N SER B 33 25.01 -2.02 6.25
CA SER B 33 24.48 -1.00 5.35
C SER B 33 24.46 -1.48 3.89
N SER B 34 23.41 -1.09 3.18
CA SER B 34 23.24 -1.39 1.76
C SER B 34 22.43 -0.31 1.08
N GLU B 35 22.90 0.15 -0.09
CA GLU B 35 22.20 1.19 -0.83
C GLU B 35 21.43 0.65 -2.04
N THR B 36 21.53 -0.66 -2.26
CA THR B 36 20.81 -1.35 -3.34
C THR B 36 20.25 -2.71 -2.93
N ILE B 37 19.24 -3.17 -3.67
CA ILE B 37 18.66 -4.51 -3.53
C ILE B 37 19.70 -5.60 -3.86
N ALA B 38 20.45 -5.38 -4.94
CA ALA B 38 21.51 -6.29 -5.40
C ALA B 38 22.59 -6.52 -4.33
N ASP B 39 22.97 -5.46 -3.61
CA ASP B 39 23.84 -5.54 -2.44
C ASP B 39 23.18 -6.29 -1.28
N ALA B 40 21.90 -5.97 -1.05
CA ALA B 40 21.12 -6.54 0.06
C ALA B 40 20.93 -8.06 -0.08
N LYS B 41 20.60 -8.50 -1.29
CA LYS B 41 20.45 -9.93 -1.61
C LYS B 41 21.74 -10.72 -1.34
N LYS B 42 22.87 -10.15 -1.77
CA LYS B 42 24.20 -10.75 -1.58
C LYS B 42 24.66 -10.72 -0.13
N LEU B 43 24.26 -9.69 0.61
CA LEU B 43 24.56 -9.56 2.04
C LEU B 43 23.80 -10.57 2.90
N LEU B 44 22.56 -10.86 2.50
CA LEU B 44 21.74 -11.89 3.16
C LEU B 44 22.31 -13.28 2.94
N ALA B 45 22.76 -13.54 1.71
CA ALA B 45 23.45 -14.77 1.35
C ALA B 45 24.83 -14.88 1.99
N SER B 46 25.46 -13.74 2.28
CA SER B 46 26.77 -13.68 2.94
C SER B 46 26.64 -13.93 4.45
N ARG B 47 26.30 -12.88 5.21
CA ARG B 47 26.15 -12.95 6.66
C ARG B 47 24.68 -13.18 7.01
N SER B 48 24.43 -13.97 8.06
CA SER B 48 23.07 -14.25 8.52
C SER B 48 22.54 -13.07 9.32
N ILE B 49 21.37 -12.57 8.89
CA ILE B 49 20.75 -11.36 9.45
C ILE B 49 19.37 -11.72 10.03
N GLN B 50 19.00 -11.04 11.12
CA GLN B 50 17.78 -11.36 11.85
C GLN B 50 16.60 -10.47 11.46
N LEU B 51 16.81 -9.15 11.52
CA LEU B 51 15.82 -8.19 11.03
C LEU B 51 16.39 -7.28 9.93
N VAL B 52 15.50 -6.76 9.08
CA VAL B 52 15.88 -5.87 7.99
C VAL B 52 15.07 -4.57 8.03
N LEU B 53 15.75 -3.43 7.87
CA LEU B 53 15.13 -2.11 7.75
C LEU B 53 15.13 -1.62 6.30
N LEU B 54 13.95 -1.69 5.68
CA LEU B 54 13.80 -1.54 4.23
C LEU B 54 13.02 -0.28 3.82
N ALA B 55 13.50 0.38 2.77
CA ALA B 55 12.79 1.49 2.11
C ALA B 55 12.06 0.98 0.87
N ILE B 56 11.22 1.82 0.26
CA ILE B 56 10.50 1.44 -0.96
C ILE B 56 11.23 1.97 -2.22
N ARG B 57 11.66 3.23 -2.19
CA ARG B 57 12.47 3.80 -3.27
C ARG B 57 13.98 3.59 -3.07
N LEU B 58 14.51 2.60 -3.78
CA LEU B 58 15.94 2.34 -3.85
C LEU B 58 16.47 2.76 -5.22
N LYS B 59 17.80 2.76 -5.38
CA LYS B 59 18.44 3.16 -6.63
C LYS B 59 18.19 2.17 -7.78
N ASP B 60 18.25 0.87 -7.46
CA ASP B 60 18.16 -0.20 -8.47
C ASP B 60 16.76 -0.77 -8.70
N GLY B 61 15.94 -0.79 -7.64
CA GLY B 61 14.57 -1.32 -7.75
C GLY B 61 13.60 -0.83 -6.69
N ASN B 62 12.42 -1.46 -6.67
CA ASN B 62 11.36 -1.16 -5.71
C ASN B 62 11.42 -2.10 -4.50
N GLY B 63 11.31 -1.49 -3.32
CA GLY B 63 11.46 -2.20 -2.04
C GLY B 63 10.39 -3.23 -1.79
N ILE B 64 9.17 -2.94 -2.22
CA ILE B 64 8.02 -3.82 -2.01
C ILE B 64 8.14 -5.12 -2.82
N ASP B 65 8.69 -5.01 -4.03
CA ASP B 65 8.95 -6.14 -4.91
C ASP B 65 10.01 -7.06 -4.33
N PHE B 66 11.04 -6.46 -3.75
CA PHE B 66 12.14 -7.17 -3.07
C PHE B 66 11.62 -7.94 -1.84
N LEU B 67 10.67 -7.33 -1.13
CA LEU B 67 10.02 -7.98 0.02
C LEU B 67 9.12 -9.13 -0.42
N THR B 68 8.43 -8.95 -1.55
CA THR B 68 7.64 -10.02 -2.17
C THR B 68 8.52 -11.24 -2.43
N ASP B 69 9.66 -11.01 -3.06
CA ASP B 69 10.70 -12.03 -3.33
C ASP B 69 11.23 -12.66 -2.05
N LEU B 70 11.37 -11.86 -1.00
CA LEU B 70 11.91 -12.29 0.29
C LEU B 70 10.98 -13.26 1.04
N ARG B 71 9.69 -13.12 0.77
CA ARG B 71 8.66 -13.99 1.34
C ARG B 71 8.45 -15.27 0.51
N ARG B 72 8.59 -15.15 -0.82
CA ARG B 72 8.53 -16.30 -1.75
C ARG B 72 9.60 -17.34 -1.43
N THR B 73 10.83 -16.86 -1.20
CA THR B 73 11.98 -17.70 -0.84
C THR B 73 12.01 -18.06 0.66
N LYS B 74 10.97 -17.63 1.39
CA LYS B 74 10.74 -17.95 2.80
C LYS B 74 11.98 -17.73 3.70
N GLN B 75 12.48 -16.49 3.66
CA GLN B 75 13.70 -16.10 4.36
C GLN B 75 13.47 -15.97 5.86
N THR B 76 14.48 -16.36 6.65
CA THR B 76 14.44 -16.21 8.11
C THR B 76 14.84 -14.77 8.47
N VAL B 77 13.98 -13.84 8.07
CA VAL B 77 14.22 -12.40 8.18
C VAL B 77 12.91 -11.69 8.54
N ASP B 78 12.98 -10.87 9.58
CA ASP B 78 11.85 -10.05 10.02
C ASP B 78 11.99 -8.63 9.48
N VAL B 79 11.07 -8.22 8.61
CA VAL B 79 11.16 -6.94 7.92
C VAL B 79 10.27 -5.87 8.55
N ILE B 80 10.83 -4.67 8.70
CA ILE B 80 10.11 -3.48 9.17
C ILE B 80 10.44 -2.33 8.22
N LEU B 81 9.39 -1.77 7.60
CA LEU B 81 9.51 -0.75 6.57
C LEU B 81 9.63 0.66 7.13
N ILE B 82 10.71 1.36 6.74
CA ILE B 82 10.87 2.78 7.01
C ILE B 82 10.92 3.48 5.66
N THR B 83 9.84 4.20 5.35
CA THR B 83 9.61 4.74 4.00
C THR B 83 8.70 5.98 3.98
N ALA B 84 8.94 6.84 2.98
CA ALA B 84 8.16 8.05 2.74
C ALA B 84 6.82 7.76 2.07
N ALA B 85 6.76 6.66 1.32
CA ALA B 85 5.62 6.27 0.51
C ALA B 85 4.34 6.08 1.33
N ASN B 86 3.26 6.70 0.86
CA ASN B 86 1.93 6.50 1.43
C ASN B 86 1.13 5.47 0.63
N GLU B 87 -0.16 5.36 0.93
CA GLU B 87 -1.07 4.39 0.28
C GLU B 87 -1.14 4.58 -1.23
N VAL B 88 -1.24 5.84 -1.66
CA VAL B 88 -1.31 6.22 -3.07
C VAL B 88 -0.05 5.78 -3.83
N ASN B 89 1.09 5.88 -3.16
CA ASN B 89 2.39 5.47 -3.71
C ASN B 89 2.50 3.95 -3.86
N ILE B 90 2.01 3.21 -2.87
CA ILE B 90 2.07 1.74 -2.87
C ILE B 90 1.26 1.17 -4.03
N VAL B 91 0.07 1.73 -4.26
CA VAL B 91 -0.82 1.26 -5.33
C VAL B 91 -0.26 1.62 -6.72
N ASN B 92 0.18 2.86 -6.90
CA ASN B 92 0.59 3.37 -8.21
C ASN B 92 2.07 3.15 -8.57
N ASP B 93 2.96 3.48 -7.65
CA ASP B 93 4.41 3.46 -7.90
C ASP B 93 5.08 2.14 -7.54
N ALA B 94 4.43 1.37 -6.67
CA ALA B 94 4.97 0.10 -6.19
C ALA B 94 4.24 -1.13 -6.74
N LEU B 95 2.93 -1.04 -6.88
CA LEU B 95 2.12 -2.12 -7.45
C LEU B 95 1.71 -1.89 -8.91
N HIS B 96 1.94 -0.66 -9.41
CA HIS B 96 1.70 -0.26 -10.81
C HIS B 96 0.24 -0.42 -11.28
N LEU B 97 -0.70 -0.24 -10.35
CA LEU B 97 -2.11 -0.54 -10.60
C LEU B 97 -2.91 0.56 -11.32
N GLY B 98 -2.40 1.79 -11.25
CA GLY B 98 -2.97 2.92 -12.01
C GLY B 98 -4.31 3.44 -11.51
N VAL B 99 -4.38 3.71 -10.21
CA VAL B 99 -5.57 4.30 -9.59
C VAL B 99 -5.56 5.82 -9.79
N ILE B 100 -6.75 6.39 -9.99
CA ILE B 100 -6.92 7.85 -10.15
C ILE B 100 -6.67 8.61 -8.84
N ASP B 101 -7.34 8.20 -7.77
CA ASP B 101 -7.11 8.77 -6.43
C ASP B 101 -7.45 7.78 -5.32
N TYR B 102 -6.71 7.88 -4.21
CA TYR B 102 -6.93 7.06 -3.03
C TYR B 102 -7.62 7.90 -1.95
N LEU B 103 -8.92 7.72 -1.80
CA LEU B 103 -9.71 8.41 -0.77
C LEU B 103 -9.66 7.68 0.56
N ILE B 104 -9.22 8.40 1.59
CA ILE B 104 -9.11 7.85 2.94
C ILE B 104 -10.43 8.13 3.68
N LYS B 105 -10.98 7.09 4.30
CA LYS B 105 -12.18 7.20 5.13
C LYS B 105 -11.79 7.48 6.59
N PRO B 106 -12.45 8.42 7.26
CA PRO B 106 -13.58 9.21 6.72
C PRO B 106 -13.13 10.38 5.86
N PHE B 107 -14.05 10.89 5.04
CA PHE B 107 -13.73 11.97 4.10
C PHE B 107 -14.78 13.08 4.04
N THR B 108 -14.29 14.30 3.79
CA THR B 108 -15.14 15.48 3.57
C THR B 108 -15.67 15.53 2.13
N LEU B 109 -16.76 16.28 1.92
CA LEU B 109 -17.41 16.45 0.61
C LEU B 109 -16.47 17.05 -0.45
N GLU B 110 -15.73 18.09 -0.05
CA GLU B 110 -14.77 18.76 -0.94
C GLU B 110 -13.65 17.84 -1.44
N ARG B 111 -13.22 16.92 -0.58
CA ARG B 111 -12.20 15.91 -0.92
C ARG B 111 -12.72 14.89 -1.92
N PHE B 112 -14.03 14.62 -1.87
CA PHE B 112 -14.68 13.70 -2.80
C PHE B 112 -14.68 14.24 -4.23
N GLU B 113 -15.12 15.50 -4.41
CA GLU B 113 -15.15 16.13 -5.74
C GLU B 113 -13.77 16.52 -6.28
N LYS B 114 -12.80 16.65 -5.37
CA LYS B 114 -11.38 16.75 -5.73
C LYS B 114 -10.93 15.47 -6.44
N SER B 115 -11.42 14.33 -5.94
CA SER B 115 -11.11 13.01 -6.48
C SER B 115 -11.89 12.70 -7.76
N ILE B 116 -13.01 13.41 -7.96
CA ILE B 116 -13.85 13.27 -9.17
C ILE B 116 -13.27 14.08 -10.34
N GLN B 117 -12.82 15.30 -10.04
CA GLN B 117 -12.19 16.18 -11.04
C GLN B 117 -10.82 15.67 -11.52
N ARG B 118 -10.19 14.81 -10.71
CA ARG B 118 -8.99 14.10 -11.11
C ARG B 118 -9.23 13.08 -12.22
N TYR B 119 -10.46 12.54 -12.27
CA TYR B 119 -10.90 11.65 -13.35
C TYR B 119 -11.11 12.42 -14.67
N ARG B 120 -11.71 13.60 -14.57
CA ARG B 120 -12.01 14.47 -15.73
C ARG B 120 -10.76 14.96 -16.45
N THR B 121 -9.71 15.22 -15.67
CA THR B 121 -8.40 15.64 -16.18
C THR B 121 -7.69 14.54 -16.98
N LYS B 122 -8.01 13.28 -16.66
CA LYS B 122 -7.57 12.13 -17.45
C LYS B 122 -8.52 11.93 -18.65
S SO4 C . -12.77 -0.66 3.59
O1 SO4 C . -14.16 -0.38 3.17
O2 SO4 C . -12.77 -1.60 4.73
O3 SO4 C . -12.01 -1.22 2.46
O4 SO4 C . -12.12 0.60 4.02
S SO4 D . 11.75 6.13 0.40
O1 SO4 D . 10.86 6.70 -0.62
O2 SO4 D . 11.31 4.76 0.75
O3 SO4 D . 13.15 6.08 -0.12
O4 SO4 D . 11.72 6.99 1.61
#